data_4RE2
#
_entry.id   4RE2
#
_cell.length_a   68.149
_cell.length_b   71.948
_cell.length_c   135.949
_cell.angle_alpha   90.00
_cell.angle_beta   90.00
_cell.angle_gamma   90.00
#
_symmetry.space_group_name_H-M   'P 21 21 21'
#
loop_
_entity.id
_entity.type
_entity.pdbx_description
1 polymer Beta-mannosidase/beta-glucosidase
2 non-polymer (5R,6R,7S,8R)-5-(HYDROXYMETHYL)-5,6,7,8-TETRAHYDROIMIDAZO[1,2-A]PYRIDINE-6,7,8-TRIOL
3 non-polymer 2-AMINO-2-HYDROXYMETHYL-PROPANE-1,3-DIOL
4 non-polymer '4-(2-HYDROXYETHYL)-1-PIPERAZINE ETHANESULFONIC ACID'
5 non-polymer GLYCEROL
6 water water
#
_entity_poly.entity_id   1
_entity_poly.type   'polypeptide(L)'
_entity_poly.pdbx_seq_one_letter_code
;AMADITSLYKKAGSAAAPFTYWLNPEIYDAGGLSRRAFPEGFVFGTAASAYQVEGMAKQGGRGPSIWDAFIEKPGTIPNN
ATADVTVDEYHRYKEDVNIMKNMGFDAYRFSISWSRIFPNGTGMVNQEGVDYYNRLIDYMVKKGIKPYANLYHYDLPLAL
HEQYLGWLSPNIVEAFADYADFCFQTFGDRVKDWFTFNEPRCVAALGYDNGFHAPGRCSGCDAGGNSTTEPYLAAHHLIL
SHAAAVKRYREKYQLYQKGRIGILLDFVWYEPFSDSNADRAAAQRARDFHLGWFLDPIIHGRYPYSMLEIVKDRMPTFSD
EESRMVKDSIDYVGINHYTSFYMKDPGPWNLTPTSYQDDWHVGFAYERNGVPIGAQANSYWLYIVPWGINKAVTYVKETY
GNPTMILSENGMDQPGNVSITQGVHDTVRIRYYRNYITELKKAIDDGAKVIGYFAWSLLDNFEWRLGYTSRFGIVYVDYK
TLKRYPKDSAFWFKNMLSSKKRN
;
_entity_poly.pdbx_strand_id   A
#
loop_
_chem_comp.id
_chem_comp.type
_chem_comp.name
_chem_comp.formula
EPE non-polymer '4-(2-HYDROXYETHYL)-1-PIPERAZINE ETHANESULFONIC ACID' 'C8 H18 N2 O4 S'
GOL non-polymer GLYCEROL 'C3 H8 O3'
MVL non-polymer (5R,6R,7S,8R)-5-(HYDROXYMETHYL)-5,6,7,8-TETRAHYDROIMIDAZO[1,2-A]PYRIDINE-6,7,8-TRIOL 'C8 H12 N2 O4'
TRS non-polymer 2-AMINO-2-HYDROXYMETHYL-PROPANE-1,3-DIOL 'C4 H12 N O3 1'
#
# COMPACT_ATOMS: atom_id res chain seq x y z
N ALA A 17 21.69 10.65 -23.46
CA ALA A 17 23.17 10.48 -23.55
C ALA A 17 23.53 9.00 -23.70
N PRO A 18 24.61 8.69 -24.46
CA PRO A 18 25.01 7.31 -24.74
C PRO A 18 25.21 6.44 -23.50
N PHE A 19 25.58 7.04 -22.37
CA PHE A 19 25.80 6.28 -21.14
C PHE A 19 24.52 5.61 -20.62
N THR A 20 23.36 6.12 -21.05
CA THR A 20 22.08 5.45 -20.79
C THR A 20 22.20 3.97 -21.11
N TYR A 21 22.95 3.64 -22.17
CA TYR A 21 23.00 2.26 -22.67
C TYR A 21 24.20 1.41 -22.23
N TRP A 22 25.04 1.94 -21.35
CA TRP A 22 26.04 1.12 -20.66
C TRP A 22 25.35 -0.09 -19.98
N LEU A 23 25.96 -1.27 -20.10
CA LEU A 23 25.44 -2.49 -19.51
C LEU A 23 26.01 -2.71 -18.10
N ASN A 24 25.15 -2.54 -17.11
CA ASN A 24 25.50 -2.64 -15.71
C ASN A 24 25.67 -4.12 -15.30
N PRO A 25 26.89 -4.53 -14.89
CA PRO A 25 27.08 -5.96 -14.57
C PRO A 25 26.27 -6.42 -13.36
N GLU A 26 25.87 -5.48 -12.51
CA GLU A 26 24.95 -5.76 -11.38
C GLU A 26 23.65 -6.46 -11.81
N ILE A 27 23.20 -6.19 -13.02
CA ILE A 27 21.98 -6.80 -13.57
C ILE A 27 22.00 -8.34 -13.50
N TYR A 28 23.18 -8.92 -13.70
CA TYR A 28 23.35 -10.36 -13.79
C TYR A 28 23.77 -11.04 -12.49
N ASP A 29 23.92 -10.27 -11.42
CA ASP A 29 24.19 -10.83 -10.10
C ASP A 29 22.86 -11.00 -9.34
N ALA A 30 22.24 -12.17 -9.49
CA ALA A 30 20.97 -12.43 -8.82
C ALA A 30 21.15 -12.84 -7.36
N GLY A 31 22.41 -12.92 -6.90
CA GLY A 31 22.72 -13.35 -5.54
C GLY A 31 22.16 -14.70 -5.16
N GLY A 32 22.07 -15.62 -6.12
CA GLY A 32 21.54 -16.95 -5.84
C GLY A 32 20.02 -17.04 -5.88
N LEU A 33 19.35 -15.92 -6.11
CA LEU A 33 17.89 -15.91 -6.26
C LEU A 33 17.45 -16.41 -7.63
N SER A 34 16.33 -17.13 -7.65
CA SER A 34 15.63 -17.55 -8.86
C SER A 34 14.26 -18.08 -8.43
N ARG A 35 13.40 -18.42 -9.39
CA ARG A 35 12.10 -18.98 -9.06
C ARG A 35 12.19 -20.30 -8.28
N ARG A 36 13.21 -21.11 -8.60
CA ARG A 36 13.45 -22.39 -7.90
C ARG A 36 13.78 -22.20 -6.41
N ALA A 37 14.18 -20.99 -6.04
CA ALA A 37 14.48 -20.65 -4.66
C ALA A 37 13.21 -20.32 -3.84
N PHE A 38 12.06 -20.29 -4.50
CA PHE A 38 10.77 -19.96 -3.88
C PHE A 38 9.77 -21.11 -4.05
N PRO A 39 8.66 -21.11 -3.27
CA PRO A 39 7.66 -22.19 -3.41
C PRO A 39 7.06 -22.31 -4.81
N GLU A 40 6.60 -23.50 -5.16
CA GLU A 40 5.92 -23.75 -6.43
C GLU A 40 4.70 -22.84 -6.52
N GLY A 41 4.55 -22.17 -7.67
CA GLY A 41 3.44 -21.27 -7.90
C GLY A 41 3.56 -19.86 -7.31
N PHE A 42 4.71 -19.56 -6.70
CA PHE A 42 4.97 -18.24 -6.12
C PHE A 42 4.86 -17.13 -7.18
N VAL A 43 4.08 -16.11 -6.86
CA VAL A 43 3.81 -15.02 -7.78
C VAL A 43 4.79 -13.86 -7.58
N PHE A 44 5.41 -13.40 -8.67
CA PHE A 44 6.15 -12.13 -8.65
C PHE A 44 5.39 -11.11 -9.47
N GLY A 45 5.22 -9.91 -8.91
CA GLY A 45 4.46 -8.87 -9.60
C GLY A 45 4.96 -7.47 -9.33
N THR A 46 4.25 -6.49 -9.88
CA THR A 46 4.44 -5.10 -9.48
C THR A 46 3.09 -4.53 -9.03
N ALA A 47 3.15 -3.44 -8.27
CA ALA A 47 1.97 -2.80 -7.72
C ALA A 47 1.99 -1.32 -8.05
N ALA A 48 0.80 -0.79 -8.31
CA ALA A 48 0.60 0.62 -8.53
C ALA A 48 -0.79 0.99 -8.02
N SER A 49 -1.23 2.23 -8.25
CA SER A 49 -2.59 2.63 -7.87
C SER A 49 -3.20 3.54 -8.92
N ALA A 50 -4.54 3.60 -8.92
CA ALA A 50 -5.30 4.33 -9.94
C ALA A 50 -4.86 5.78 -10.04
N TYR A 51 -4.92 6.50 -8.93
CA TYR A 51 -4.60 7.92 -8.95
C TYR A 51 -3.15 8.21 -9.32
N GLN A 52 -2.26 7.28 -8.95
CA GLN A 52 -0.84 7.52 -9.12
C GLN A 52 -0.38 7.28 -10.55
N VAL A 53 -1.10 6.47 -11.31
CA VAL A 53 -0.68 6.14 -12.68
C VAL A 53 -1.66 6.42 -13.83
N GLU A 54 -2.94 6.54 -13.52
CA GLU A 54 -3.95 6.52 -14.61
C GLU A 54 -3.94 7.78 -15.46
N GLY A 55 -3.96 8.93 -14.78
CA GLY A 55 -4.30 10.17 -15.44
C GLY A 55 -5.79 10.23 -15.66
N MET A 56 -6.22 11.06 -16.62
CA MET A 56 -7.65 11.28 -16.90
C MET A 56 -8.46 11.49 -15.61
N ALA A 57 -7.89 12.29 -14.70
CA ALA A 57 -8.48 12.53 -13.39
C ALA A 57 -9.82 13.28 -13.45
N LYS A 58 -9.92 14.16 -14.45
CA LYS A 58 -11.10 15.01 -14.66
C LYS A 58 -11.80 14.71 -15.98
N GLN A 59 -11.50 13.56 -16.57
CA GLN A 59 -12.05 13.16 -17.86
C GLN A 59 -12.55 11.73 -17.78
N GLY A 60 -13.23 11.30 -18.84
CA GLY A 60 -13.71 9.92 -18.94
C GLY A 60 -14.89 9.61 -18.04
N GLY A 61 -15.54 10.66 -17.55
CA GLY A 61 -16.69 10.51 -16.64
C GLY A 61 -16.32 10.44 -15.16
N ARG A 62 -15.03 10.41 -14.86
CA ARG A 62 -14.56 10.28 -13.47
C ARG A 62 -14.99 11.44 -12.58
N GLY A 63 -15.61 11.13 -11.45
CA GLY A 63 -16.02 12.13 -10.48
C GLY A 63 -14.85 12.57 -9.63
N PRO A 64 -14.93 13.76 -9.00
CA PRO A 64 -13.79 14.18 -8.18
C PRO A 64 -13.60 13.28 -6.95
N SER A 65 -12.35 13.14 -6.54
CA SER A 65 -12.04 12.44 -5.29
C SER A 65 -11.54 13.48 -4.31
N ILE A 66 -11.33 13.05 -3.07
CA ILE A 66 -10.81 13.92 -2.03
C ILE A 66 -9.43 14.49 -2.35
N TRP A 67 -8.63 13.76 -3.14
CA TRP A 67 -7.32 14.25 -3.57
C TRP A 67 -7.41 15.35 -4.64
N ASP A 68 -8.40 15.25 -5.51
CA ASP A 68 -8.63 16.33 -6.47
C ASP A 68 -8.86 17.66 -5.76
N ALA A 69 -9.69 17.64 -4.72
CA ALA A 69 -9.92 18.82 -3.88
C ALA A 69 -8.69 19.23 -3.06
N PHE A 70 -7.99 18.25 -2.49
CA PHE A 70 -6.83 18.47 -1.61
C PHE A 70 -5.65 19.15 -2.31
N ILE A 71 -5.40 18.74 -3.54
CA ILE A 71 -4.30 19.22 -4.37
C ILE A 71 -4.53 20.68 -4.82
N GLU A 72 -5.80 21.09 -4.91
CA GLU A 72 -6.19 22.43 -5.33
C GLU A 72 -5.58 23.54 -4.49
N LYS A 73 -5.45 23.30 -3.18
N LYS A 73 -5.47 23.31 -3.18
CA LYS A 73 -4.80 24.22 -2.26
CA LYS A 73 -4.83 24.27 -2.28
C LYS A 73 -3.34 24.41 -2.68
C LYS A 73 -3.36 24.43 -2.65
N PRO A 74 -2.95 25.67 -2.98
CA PRO A 74 -1.58 25.95 -3.43
C PRO A 74 -0.56 25.57 -2.35
N GLY A 75 0.56 25.00 -2.79
CA GLY A 75 1.61 24.58 -1.89
C GLY A 75 1.55 23.13 -1.45
N THR A 76 0.41 22.47 -1.70
CA THR A 76 0.20 21.08 -1.27
C THR A 76 1.18 20.10 -1.94
N ILE A 77 1.27 20.16 -3.27
CA ILE A 77 2.18 19.31 -4.05
C ILE A 77 3.35 20.19 -4.54
N PRO A 78 4.61 19.68 -4.45
CA PRO A 78 5.75 20.45 -4.98
C PRO A 78 5.56 20.92 -6.43
N ASN A 79 5.89 22.18 -6.66
CA ASN A 79 5.76 22.84 -7.97
C ASN A 79 4.33 22.85 -8.50
N ASN A 80 3.37 22.71 -7.58
CA ASN A 80 1.94 22.57 -7.89
C ASN A 80 1.60 21.55 -8.98
N ALA A 81 2.32 20.43 -8.97
CA ALA A 81 2.09 19.33 -9.90
C ALA A 81 0.78 18.62 -9.58
N THR A 82 0.16 18.01 -10.59
CA THR A 82 -1.07 17.27 -10.35
C THR A 82 -0.94 15.88 -10.91
N ALA A 83 -1.95 15.06 -10.66
CA ALA A 83 -2.04 13.73 -11.24
C ALA A 83 -3.12 13.68 -12.33
N ASP A 84 -3.47 14.85 -12.90
CA ASP A 84 -4.44 14.90 -14.00
C ASP A 84 -4.00 14.07 -15.20
N VAL A 85 -2.70 13.98 -15.40
CA VAL A 85 -2.15 13.14 -16.46
C VAL A 85 -1.22 12.05 -15.90
N THR A 86 -0.35 12.44 -14.97
CA THR A 86 0.68 11.55 -14.41
C THR A 86 1.38 10.75 -15.51
N VAL A 87 1.49 9.43 -15.37
CA VAL A 87 2.18 8.63 -16.40
C VAL A 87 1.25 8.13 -17.52
N ASP A 88 -0.03 8.49 -17.39
CA ASP A 88 -1.03 8.28 -18.43
C ASP A 88 -1.23 6.80 -18.77
N GLU A 89 -1.32 5.96 -17.74
CA GLU A 89 -1.57 4.55 -17.97
C GLU A 89 -2.95 4.35 -18.58
N TYR A 90 -3.87 5.28 -18.36
CA TYR A 90 -5.18 5.25 -19.01
C TYR A 90 -5.07 4.99 -20.51
N HIS A 91 -4.14 5.66 -21.18
CA HIS A 91 -3.92 5.47 -22.62
C HIS A 91 -2.77 4.51 -22.97
N ARG A 92 -1.81 4.40 -22.06
N ARG A 92 -1.79 4.42 -22.07
CA ARG A 92 -0.56 3.68 -22.30
CA ARG A 92 -0.57 3.66 -22.33
C ARG A 92 -0.50 2.30 -21.61
C ARG A 92 -0.50 2.28 -21.65
N TYR A 93 -1.65 1.79 -21.17
CA TYR A 93 -1.71 0.49 -20.45
C TYR A 93 -1.14 -0.70 -21.22
N LYS A 94 -1.30 -0.71 -22.54
CA LYS A 94 -0.77 -1.82 -23.34
C LYS A 94 0.75 -1.83 -23.26
N GLU A 95 1.37 -0.65 -23.41
CA GLU A 95 2.82 -0.51 -23.28
C GLU A 95 3.29 -1.00 -21.89
N ASP A 96 2.59 -0.56 -20.85
CA ASP A 96 2.98 -0.90 -19.48
C ASP A 96 2.88 -2.40 -19.21
N VAL A 97 1.76 -2.99 -19.62
CA VAL A 97 1.57 -4.44 -19.50
C VAL A 97 2.62 -5.19 -20.32
N ASN A 98 2.93 -4.70 -21.52
CA ASN A 98 4.01 -5.26 -22.36
C ASN A 98 5.38 -5.29 -21.66
N ILE A 99 5.73 -4.20 -20.99
CA ILE A 99 6.97 -4.14 -20.18
C ILE A 99 6.95 -5.17 -19.06
N MET A 100 5.83 -5.23 -18.32
CA MET A 100 5.65 -6.19 -17.22
C MET A 100 5.89 -7.61 -17.70
N LYS A 101 5.32 -7.93 -18.86
CA LYS A 101 5.46 -9.26 -19.46
C LYS A 101 6.92 -9.50 -19.89
N ASN A 102 7.52 -8.50 -20.53
N ASN A 102 7.52 -8.52 -20.56
CA ASN A 102 8.90 -8.60 -21.02
CA ASN A 102 8.91 -8.66 -21.00
C ASN A 102 9.95 -8.72 -19.91
C ASN A 102 9.85 -8.90 -19.82
N MET A 103 9.67 -8.14 -18.74
CA MET A 103 10.54 -8.24 -17.58
C MET A 103 10.33 -9.52 -16.76
N GLY A 104 9.32 -10.31 -17.14
CA GLY A 104 9.10 -11.64 -16.55
C GLY A 104 8.12 -11.72 -15.38
N PHE A 105 7.41 -10.64 -15.11
CA PHE A 105 6.46 -10.60 -13.99
C PHE A 105 5.22 -11.46 -14.29
N ASP A 106 4.64 -12.02 -13.23
CA ASP A 106 3.49 -12.91 -13.35
C ASP A 106 2.17 -12.17 -13.14
N ALA A 107 2.24 -10.99 -12.54
CA ALA A 107 1.06 -10.35 -11.98
C ALA A 107 1.20 -8.85 -11.85
N TYR A 108 0.06 -8.16 -11.85
CA TYR A 108 0.02 -6.72 -11.62
C TYR A 108 -1.07 -6.40 -10.60
N ARG A 109 -0.70 -5.78 -9.48
CA ARG A 109 -1.70 -5.24 -8.58
C ARG A 109 -1.98 -3.79 -8.93
N PHE A 110 -3.19 -3.54 -9.42
CA PHE A 110 -3.66 -2.22 -9.73
C PHE A 110 -4.79 -1.89 -8.77
N SER A 111 -5.21 -0.63 -8.75
CA SER A 111 -6.43 -0.30 -8.03
C SER A 111 -7.51 0.25 -8.94
N ILE A 112 -8.75 0.06 -8.52
CA ILE A 112 -9.93 0.60 -9.18
C ILE A 112 -10.31 1.89 -8.48
N SER A 113 -10.44 2.96 -9.27
CA SER A 113 -10.85 4.25 -8.75
C SER A 113 -12.37 4.27 -8.53
N TRP A 114 -12.77 4.34 -7.26
CA TRP A 114 -14.18 4.36 -6.86
C TRP A 114 -14.94 5.43 -7.65
N SER A 115 -14.40 6.64 -7.71
CA SER A 115 -15.08 7.75 -8.40
C SER A 115 -15.04 7.66 -9.94
N ARG A 116 -14.25 6.74 -10.50
CA ARG A 116 -14.30 6.48 -11.94
C ARG A 116 -15.46 5.53 -12.28
N ILE A 117 -15.85 4.71 -11.32
CA ILE A 117 -16.97 3.79 -11.45
C ILE A 117 -18.27 4.48 -11.01
N PHE A 118 -18.26 5.07 -9.81
CA PHE A 118 -19.41 5.82 -9.28
C PHE A 118 -18.97 7.25 -9.02
N PRO A 119 -19.17 8.15 -10.01
CA PRO A 119 -18.74 9.55 -9.90
C PRO A 119 -19.09 10.25 -8.58
N ASN A 120 -20.27 9.95 -8.03
CA ASN A 120 -20.61 10.51 -6.72
C ASN A 120 -20.59 9.49 -5.56
N GLY A 121 -20.02 8.31 -5.81
CA GLY A 121 -19.86 7.28 -4.77
C GLY A 121 -20.94 6.22 -4.76
N THR A 122 -22.15 6.59 -5.21
CA THR A 122 -23.29 5.68 -5.23
C THR A 122 -24.10 5.85 -6.53
N GLY A 123 -25.09 5.00 -6.72
CA GLY A 123 -26.09 5.19 -7.77
C GLY A 123 -25.61 4.95 -9.18
N MET A 124 -25.50 6.03 -9.95
CA MET A 124 -25.19 5.97 -11.38
C MET A 124 -23.76 5.48 -11.68
N VAL A 125 -23.70 4.40 -12.44
CA VAL A 125 -22.44 3.80 -12.91
C VAL A 125 -21.94 4.59 -14.11
N ASN A 126 -20.66 4.96 -14.07
CA ASN A 126 -19.99 5.56 -15.21
C ASN A 126 -19.46 4.49 -16.15
N GLN A 127 -20.20 4.20 -17.22
CA GLN A 127 -19.86 3.09 -18.12
C GLN A 127 -18.48 3.23 -18.79
N GLU A 128 -18.09 4.46 -19.11
CA GLU A 128 -16.78 4.73 -19.69
C GLU A 128 -15.65 4.29 -18.74
N GLY A 129 -15.89 4.48 -17.44
CA GLY A 129 -14.97 4.03 -16.40
C GLY A 129 -14.91 2.53 -16.34
N VAL A 130 -16.07 1.87 -16.33
CA VAL A 130 -16.14 0.41 -16.39
C VAL A 130 -15.41 -0.12 -17.61
N ASP A 131 -15.60 0.54 -18.76
CA ASP A 131 -14.97 0.09 -20.01
C ASP A 131 -13.45 0.19 -19.95
N TYR A 132 -12.94 1.23 -19.29
CA TYR A 132 -11.49 1.29 -19.05
C TYR A 132 -10.99 0.05 -18.33
N TYR A 133 -11.53 -0.26 -17.15
CA TYR A 133 -11.04 -1.41 -16.39
C TYR A 133 -11.19 -2.72 -17.13
N ASN A 134 -12.29 -2.86 -17.86
CA ASN A 134 -12.47 -4.01 -18.74
C ASN A 134 -11.39 -4.16 -19.82
N ARG A 135 -10.96 -3.05 -20.42
CA ARG A 135 -9.84 -3.06 -21.39
C ARG A 135 -8.52 -3.46 -20.75
N LEU A 136 -8.25 -2.89 -19.59
CA LEU A 136 -7.01 -3.13 -18.88
C LEU A 136 -6.89 -4.60 -18.51
N ILE A 137 -7.94 -5.12 -17.90
CA ILE A 137 -8.01 -6.50 -17.43
C ILE A 137 -7.92 -7.52 -18.58
N ASP A 138 -8.66 -7.25 -19.66
CA ASP A 138 -8.66 -8.15 -20.83
C ASP A 138 -7.29 -8.25 -21.48
N TYR A 139 -6.61 -7.10 -21.59
CA TYR A 139 -5.25 -7.06 -22.11
C TYR A 139 -4.25 -7.83 -21.22
N MET A 140 -4.27 -7.55 -19.91
CA MET A 140 -3.48 -8.33 -18.95
C MET A 140 -3.68 -9.84 -19.14
N VAL A 141 -4.93 -10.28 -19.14
CA VAL A 141 -5.27 -11.69 -19.35
C VAL A 141 -4.74 -12.22 -20.69
N LYS A 142 -4.91 -11.43 -21.75
CA LYS A 142 -4.35 -11.74 -23.08
C LYS A 142 -2.84 -11.98 -23.02
N LYS A 143 -2.14 -11.10 -22.32
CA LYS A 143 -0.68 -11.19 -22.19
C LYS A 143 -0.19 -12.11 -21.07
N GLY A 144 -1.13 -12.76 -20.37
CA GLY A 144 -0.79 -13.68 -19.29
C GLY A 144 -0.27 -13.02 -18.01
N ILE A 145 -0.74 -11.80 -17.74
CA ILE A 145 -0.46 -11.12 -16.46
C ILE A 145 -1.69 -11.29 -15.56
N LYS A 146 -1.49 -11.86 -14.37
CA LYS A 146 -2.57 -12.04 -13.39
C LYS A 146 -3.01 -10.72 -12.77
N PRO A 147 -4.33 -10.42 -12.84
CA PRO A 147 -4.86 -9.21 -12.22
C PRO A 147 -5.15 -9.40 -10.73
N TYR A 148 -4.55 -8.52 -9.93
CA TYR A 148 -4.87 -8.37 -8.51
C TYR A 148 -5.49 -6.99 -8.36
N ALA A 149 -6.77 -6.95 -8.02
CA ALA A 149 -7.51 -5.70 -7.99
C ALA A 149 -7.71 -5.22 -6.56
N ASN A 150 -7.12 -4.06 -6.26
CA ASN A 150 -7.40 -3.33 -5.03
C ASN A 150 -8.55 -2.33 -5.25
N LEU A 151 -9.50 -2.26 -4.32
CA LEU A 151 -10.67 -1.40 -4.48
C LEU A 151 -10.47 0.03 -4.03
N TYR A 152 -9.48 0.25 -3.16
CA TYR A 152 -9.29 1.58 -2.58
C TYR A 152 -7.84 1.93 -2.29
N HIS A 153 -7.38 3.03 -2.88
CA HIS A 153 -6.03 3.53 -2.60
C HIS A 153 -6.10 5.05 -2.47
N TYR A 154 -6.73 5.49 -1.37
CA TYR A 154 -6.75 6.89 -0.91
C TYR A 154 -7.74 7.81 -1.64
N ASP A 155 -8.49 7.26 -2.59
CA ASP A 155 -9.25 8.08 -3.53
C ASP A 155 -10.76 8.12 -3.27
N LEU A 156 -11.16 8.49 -2.05
CA LEU A 156 -12.58 8.58 -1.69
C LEU A 156 -13.32 9.60 -2.58
N PRO A 157 -14.47 9.20 -3.16
CA PRO A 157 -15.26 10.17 -3.93
C PRO A 157 -15.63 11.38 -3.06
N LEU A 158 -15.32 12.57 -3.56
CA LEU A 158 -15.53 13.83 -2.84
C LEU A 158 -16.95 14.00 -2.33
N ALA A 159 -17.93 13.54 -3.11
CA ALA A 159 -19.35 13.66 -2.74
C ALA A 159 -19.68 13.01 -1.40
N LEU A 160 -19.05 11.87 -1.11
CA LEU A 160 -19.26 11.18 0.17
C LEU A 160 -18.63 11.92 1.34
N HIS A 161 -17.51 12.59 1.09
CA HIS A 161 -16.87 13.42 2.10
C HIS A 161 -17.72 14.68 2.38
N GLU A 162 -18.28 15.24 1.31
CA GLU A 162 -19.16 16.41 1.43
C GLU A 162 -20.46 16.07 2.16
N GLN A 163 -21.05 14.91 1.84
CA GLN A 163 -22.31 14.46 2.44
C GLN A 163 -22.25 14.20 3.94
N TYR A 164 -21.29 13.37 4.35
CA TYR A 164 -21.22 12.93 5.74
C TYR A 164 -19.82 12.73 6.30
N LEU A 165 -18.85 13.43 5.72
CA LEU A 165 -17.42 13.36 6.12
C LEU A 165 -16.80 11.96 5.94
N GLY A 166 -17.23 11.26 4.89
CA GLY A 166 -16.58 10.03 4.44
C GLY A 166 -16.35 8.97 5.50
N TRP A 167 -15.07 8.66 5.74
CA TRP A 167 -14.68 7.59 6.66
C TRP A 167 -15.11 7.81 8.10
N LEU A 168 -15.54 9.04 8.41
CA LEU A 168 -15.95 9.38 9.78
C LEU A 168 -17.42 9.03 10.08
N SER A 169 -18.15 8.61 9.06
CA SER A 169 -19.56 8.24 9.21
C SER A 169 -19.79 6.75 9.02
N PRO A 170 -20.66 6.13 9.86
CA PRO A 170 -21.09 4.75 9.62
C PRO A 170 -21.80 4.54 8.28
N ASN A 171 -22.26 5.61 7.64
CA ASN A 171 -22.89 5.55 6.32
C ASN A 171 -21.99 5.00 5.22
N ILE A 172 -20.69 5.26 5.34
CA ILE A 172 -19.68 4.83 4.36
C ILE A 172 -19.57 3.30 4.20
N VAL A 173 -19.92 2.55 5.24
CA VAL A 173 -19.72 1.10 5.28
C VAL A 173 -20.49 0.41 4.16
N GLU A 174 -21.79 0.71 4.07
CA GLU A 174 -22.63 0.11 3.05
C GLU A 174 -22.40 0.73 1.66
N ALA A 175 -21.99 1.99 1.66
CA ALA A 175 -21.56 2.67 0.45
C ALA A 175 -20.36 1.94 -0.16
N PHE A 176 -19.39 1.57 0.68
CA PHE A 176 -18.22 0.83 0.20
C PHE A 176 -18.58 -0.57 -0.27
N ALA A 177 -19.41 -1.26 0.53
CA ALA A 177 -19.84 -2.63 0.21
C ALA A 177 -20.60 -2.73 -1.13
N ASP A 178 -21.46 -1.74 -1.40
CA ASP A 178 -22.18 -1.66 -2.69
C ASP A 178 -21.20 -1.49 -3.86
N TYR A 179 -20.23 -0.59 -3.69
CA TYR A 179 -19.18 -0.38 -4.69
C TYR A 179 -18.37 -1.66 -4.94
N ALA A 180 -17.94 -2.30 -3.84
CA ALA A 180 -17.23 -3.59 -3.91
C ALA A 180 -18.04 -4.66 -4.65
N ASP A 181 -19.29 -4.84 -4.21
CA ASP A 181 -20.25 -5.75 -4.83
C ASP A 181 -20.31 -5.55 -6.35
N PHE A 182 -20.44 -4.29 -6.77
CA PHE A 182 -20.47 -3.99 -8.21
C PHE A 182 -19.21 -4.51 -8.91
N CYS A 183 -18.05 -4.26 -8.30
CA CYS A 183 -16.77 -4.69 -8.89
C CYS A 183 -16.66 -6.20 -9.01
N PHE A 184 -17.12 -6.91 -7.98
CA PHE A 184 -17.08 -8.37 -7.99
C PHE A 184 -17.92 -8.91 -9.16
N GLN A 185 -19.13 -8.39 -9.26
CA GLN A 185 -20.10 -8.79 -10.27
C GLN A 185 -19.58 -8.51 -11.69
N THR A 186 -18.90 -7.38 -11.85
CA THR A 186 -18.49 -6.89 -13.17
C THR A 186 -17.15 -7.49 -13.61
N PHE A 187 -16.19 -7.57 -12.70
CA PHE A 187 -14.82 -7.96 -13.05
C PHE A 187 -14.38 -9.33 -12.53
N GLY A 188 -15.17 -9.90 -11.63
CA GLY A 188 -14.79 -11.13 -10.91
C GLY A 188 -14.72 -12.42 -11.71
N ASP A 189 -15.22 -12.38 -12.94
CA ASP A 189 -15.06 -13.50 -13.87
C ASP A 189 -13.62 -13.67 -14.34
N ARG A 190 -12.81 -12.61 -14.25
CA ARG A 190 -11.39 -12.73 -14.57
C ARG A 190 -10.45 -12.29 -13.43
N VAL A 191 -10.89 -11.36 -12.59
CA VAL A 191 -10.13 -11.02 -11.38
C VAL A 191 -10.46 -12.05 -10.31
N LYS A 192 -9.42 -12.74 -9.83
CA LYS A 192 -9.56 -13.83 -8.87
C LYS A 192 -8.86 -13.50 -7.55
N ASP A 193 -8.29 -12.31 -7.47
CA ASP A 193 -7.54 -11.89 -6.31
C ASP A 193 -7.87 -10.44 -6.02
N TRP A 194 -8.46 -10.20 -4.86
CA TRP A 194 -8.98 -8.88 -4.50
C TRP A 194 -8.35 -8.39 -3.22
N PHE A 195 -8.21 -7.07 -3.12
CA PHE A 195 -7.94 -6.38 -1.87
C PHE A 195 -8.97 -5.30 -1.69
N THR A 196 -9.41 -5.11 -0.46
CA THR A 196 -10.40 -4.09 -0.16
C THR A 196 -9.72 -2.72 -0.06
N PHE A 197 -8.62 -2.67 0.69
CA PHE A 197 -7.96 -1.41 1.04
C PHE A 197 -6.45 -1.53 0.93
N ASN A 198 -5.83 -0.46 0.41
CA ASN A 198 -4.39 -0.23 0.59
C ASN A 198 -4.13 0.64 1.82
N GLU A 199 -3.49 0.04 2.83
CA GLU A 199 -3.01 0.78 4.01
C GLU A 199 -4.05 1.63 4.73
N PRO A 200 -5.08 0.98 5.32
CA PRO A 200 -6.08 1.75 6.06
C PRO A 200 -5.46 2.52 7.24
N ARG A 201 -4.30 2.07 7.73
CA ARG A 201 -3.56 2.83 8.76
C ARG A 201 -3.16 4.22 8.26
N CYS A 202 -2.70 4.28 7.01
N CYS A 202 -2.71 4.29 7.00
CA CYS A 202 -2.32 5.52 6.35
CA CYS A 202 -2.34 5.56 6.39
C CYS A 202 -3.54 6.40 6.08
C CYS A 202 -3.55 6.42 6.06
N VAL A 203 -4.61 5.77 5.59
CA VAL A 203 -5.88 6.47 5.37
C VAL A 203 -6.32 7.16 6.65
N ALA A 204 -6.31 6.42 7.77
CA ALA A 204 -6.72 6.97 9.07
C ALA A 204 -5.73 7.98 9.68
N ALA A 205 -4.44 7.65 9.66
CA ALA A 205 -3.43 8.48 10.34
C ALA A 205 -3.06 9.71 9.54
N LEU A 206 -2.80 9.54 8.26
CA LEU A 206 -2.41 10.67 7.42
C LEU A 206 -3.62 11.53 7.07
N GLY A 207 -4.78 10.90 6.88
CA GLY A 207 -6.01 11.64 6.58
C GLY A 207 -6.61 12.42 7.73
N TYR A 208 -6.44 11.91 8.96
CA TYR A 208 -7.21 12.40 10.11
C TYR A 208 -6.42 12.65 11.41
N ASP A 209 -5.14 12.26 11.44
CA ASP A 209 -4.32 12.49 12.63
C ASP A 209 -3.43 13.73 12.45
N ASN A 210 -2.75 13.81 11.32
CA ASN A 210 -1.91 14.98 11.04
C ASN A 210 -2.27 15.73 9.75
N GLY A 211 -3.32 15.29 9.08
CA GLY A 211 -3.78 15.89 7.83
C GLY A 211 -2.77 15.99 6.69
N PHE A 212 -1.74 15.15 6.72
CA PHE A 212 -0.72 15.13 5.65
C PHE A 212 -1.29 14.64 4.31
N HIS A 213 -2.28 13.75 4.38
CA HIS A 213 -2.99 13.28 3.19
C HIS A 213 -4.42 13.77 3.21
N ALA A 214 -5.08 13.71 2.06
CA ALA A 214 -6.50 14.05 1.98
C ALA A 214 -7.29 13.19 2.99
N PRO A 215 -8.32 13.77 3.63
CA PRO A 215 -8.87 15.13 3.45
C PRO A 215 -8.18 16.23 4.26
N GLY A 216 -7.00 15.94 4.80
CA GLY A 216 -6.22 16.96 5.50
C GLY A 216 -6.78 17.42 6.83
N ARG A 217 -7.39 16.50 7.57
CA ARG A 217 -7.96 16.82 8.87
C ARG A 217 -7.01 16.48 10.02
N CYS A 218 -7.07 17.27 11.09
CA CYS A 218 -6.29 17.08 12.31
C CYS A 218 -6.72 18.17 13.29
N SER A 219 -6.31 18.04 14.55
CA SER A 219 -6.54 19.09 15.55
C SER A 219 -5.87 20.39 15.10
N GLY A 220 -6.67 21.43 14.92
CA GLY A 220 -6.15 22.73 14.49
C GLY A 220 -5.83 22.85 13.01
N CYS A 221 -6.19 21.83 12.21
CA CYS A 221 -6.02 21.88 10.76
C CYS A 221 -7.05 22.84 10.14
N ASP A 222 -6.72 23.43 8.99
CA ASP A 222 -7.63 24.36 8.29
C ASP A 222 -8.97 23.71 7.92
N ALA A 223 -8.92 22.43 7.55
CA ALA A 223 -10.13 21.69 7.20
C ALA A 223 -10.92 21.23 8.44
N GLY A 224 -10.36 21.46 9.63
CA GLY A 224 -10.99 21.00 10.86
C GLY A 224 -10.53 19.60 11.24
N GLY A 225 -11.11 19.07 12.31
CA GLY A 225 -10.76 17.73 12.78
C GLY A 225 -10.40 17.62 14.25
N ASN A 226 -10.02 16.41 14.65
CA ASN A 226 -9.66 16.11 16.04
C ASN A 226 -8.78 14.86 16.04
N SER A 227 -7.50 15.06 16.30
CA SER A 227 -6.49 14.01 16.24
C SER A 227 -6.66 12.94 17.31
N THR A 228 -7.36 13.27 18.38
CA THR A 228 -7.54 12.34 19.50
C THR A 228 -8.60 11.29 19.22
N THR A 229 -9.51 11.60 18.30
CA THR A 229 -10.68 10.75 18.04
C THR A 229 -10.89 10.32 16.60
N GLU A 230 -10.65 11.21 15.64
CA GLU A 230 -11.02 10.95 14.24
C GLU A 230 -10.23 9.79 13.59
N PRO A 231 -8.91 9.68 13.85
CA PRO A 231 -8.17 8.52 13.32
C PRO A 231 -8.81 7.19 13.72
N TYR A 232 -9.24 7.09 14.99
CA TYR A 232 -9.82 5.85 15.50
C TYR A 232 -11.19 5.59 14.92
N LEU A 233 -11.94 6.67 14.70
CA LEU A 233 -13.24 6.58 14.05
C LEU A 233 -13.11 6.12 12.60
N ALA A 234 -12.20 6.74 11.85
CA ALA A 234 -11.95 6.36 10.45
C ALA A 234 -11.50 4.90 10.34
N ALA A 235 -10.53 4.51 11.18
CA ALA A 235 -10.03 3.14 11.19
C ALA A 235 -11.14 2.12 11.46
N HIS A 236 -11.97 2.40 12.47
CA HIS A 236 -13.12 1.56 12.79
C HIS A 236 -14.06 1.33 11.59
N HIS A 237 -14.41 2.40 10.90
CA HIS A 237 -15.28 2.31 9.72
C HIS A 237 -14.61 1.65 8.51
N LEU A 238 -13.29 1.85 8.37
CA LEU A 238 -12.51 1.10 7.38
C LEU A 238 -12.54 -0.40 7.65
N ILE A 239 -12.39 -0.79 8.92
CA ILE A 239 -12.47 -2.21 9.30
C ILE A 239 -13.87 -2.76 8.99
N LEU A 240 -14.91 -2.01 9.36
CA LEU A 240 -16.30 -2.41 9.07
C LEU A 240 -16.59 -2.48 7.57
N SER A 241 -16.07 -1.50 6.82
CA SER A 241 -16.24 -1.45 5.37
C SER A 241 -15.57 -2.65 4.71
N HIS A 242 -14.35 -2.96 5.16
CA HIS A 242 -13.63 -4.15 4.70
C HIS A 242 -14.47 -5.40 4.92
N ALA A 243 -14.98 -5.56 6.13
CA ALA A 243 -15.71 -6.78 6.49
C ALA A 243 -17.04 -6.89 5.73
N ALA A 244 -17.72 -5.76 5.51
CA ALA A 244 -18.98 -5.74 4.75
C ALA A 244 -18.78 -6.11 3.27
N ALA A 245 -17.67 -5.66 2.68
CA ALA A 245 -17.31 -5.99 1.30
C ALA A 245 -16.99 -7.48 1.18
N VAL A 246 -16.21 -7.97 2.14
CA VAL A 246 -15.84 -9.37 2.17
C VAL A 246 -17.08 -10.25 2.37
N LYS A 247 -18.02 -9.79 3.21
CA LYS A 247 -19.32 -10.47 3.34
C LYS A 247 -20.02 -10.61 1.98
N ARG A 248 -20.09 -9.52 1.20
CA ARG A 248 -20.67 -9.56 -0.15
C ARG A 248 -20.00 -10.61 -1.01
N TYR A 249 -18.68 -10.59 -1.04
CA TYR A 249 -17.90 -11.51 -1.85
C TYR A 249 -18.17 -12.96 -1.43
N ARG A 250 -18.13 -13.22 -0.13
CA ARG A 250 -18.26 -14.59 0.39
C ARG A 250 -19.66 -15.19 0.17
N GLU A 251 -20.69 -14.36 0.37
CA GLU A 251 -22.08 -14.81 0.32
C GLU A 251 -22.62 -14.91 -1.11
N LYS A 252 -22.15 -14.04 -2.00
CA LYS A 252 -22.73 -13.91 -3.35
C LYS A 252 -21.85 -14.39 -4.52
N TYR A 253 -20.53 -14.27 -4.37
CA TYR A 253 -19.61 -14.42 -5.52
C TYR A 253 -18.54 -15.48 -5.41
N GLN A 254 -17.96 -15.63 -4.22
CA GLN A 254 -16.75 -16.45 -4.06
C GLN A 254 -16.89 -17.89 -4.58
N LEU A 255 -18.02 -18.52 -4.28
CA LEU A 255 -18.24 -19.93 -4.63
C LEU A 255 -18.21 -20.15 -6.15
N TYR A 256 -18.75 -19.17 -6.88
CA TYR A 256 -18.83 -19.19 -8.34
C TYR A 256 -17.56 -18.72 -9.04
N GLN A 257 -17.01 -17.60 -8.57
CA GLN A 257 -15.83 -17.03 -9.22
C GLN A 257 -14.53 -17.74 -8.82
N LYS A 258 -14.56 -18.43 -7.69
CA LYS A 258 -13.42 -19.20 -7.15
C LYS A 258 -12.16 -18.32 -6.98
N GLY A 259 -12.36 -17.11 -6.47
CA GLY A 259 -11.25 -16.21 -6.14
C GLY A 259 -11.02 -16.04 -4.66
N ARG A 260 -10.12 -15.11 -4.33
N ARG A 260 -10.11 -15.12 -4.32
CA ARG A 260 -9.70 -14.85 -2.97
CA ARG A 260 -9.79 -14.86 -2.93
C ARG A 260 -9.79 -13.34 -2.67
C ARG A 260 -9.79 -13.35 -2.66
N ILE A 261 -9.98 -12.98 -1.41
CA ILE A 261 -10.03 -11.57 -1.00
C ILE A 261 -9.22 -11.34 0.26
N GLY A 262 -8.51 -10.21 0.31
CA GLY A 262 -7.77 -9.83 1.50
C GLY A 262 -7.68 -8.32 1.67
N ILE A 263 -6.65 -7.88 2.39
CA ILE A 263 -6.43 -6.48 2.69
C ILE A 263 -4.93 -6.23 2.69
N LEU A 264 -4.53 -5.00 2.38
CA LEU A 264 -3.11 -4.63 2.31
C LEU A 264 -2.76 -3.75 3.49
N LEU A 265 -1.85 -4.22 4.33
CA LEU A 265 -1.47 -3.50 5.54
C LEU A 265 0.00 -3.16 5.51
N ASP A 266 0.31 -1.89 5.78
CA ASP A 266 1.69 -1.49 5.92
C ASP A 266 2.21 -1.95 7.27
N PHE A 267 3.48 -2.35 7.27
CA PHE A 267 4.11 -2.83 8.48
C PHE A 267 5.57 -2.42 8.42
N VAL A 268 5.92 -1.45 9.26
CA VAL A 268 7.29 -1.07 9.52
C VAL A 268 7.81 -2.00 10.60
N TRP A 269 9.02 -2.52 10.43
CA TRP A 269 9.56 -3.35 11.50
C TRP A 269 10.09 -2.46 12.63
N TYR A 270 9.61 -2.70 13.85
CA TYR A 270 10.10 -1.98 15.03
C TYR A 270 10.96 -2.89 15.88
N GLU A 271 12.24 -2.55 15.96
CA GLU A 271 13.25 -3.33 16.66
C GLU A 271 13.57 -2.66 17.99
N PRO A 272 13.53 -3.43 19.10
CA PRO A 272 13.88 -2.86 20.40
C PRO A 272 15.29 -2.26 20.38
N PHE A 273 15.43 -1.02 20.85
CA PHE A 273 16.73 -0.34 20.88
C PHE A 273 17.76 -1.11 21.72
N SER A 274 17.29 -1.67 22.84
CA SER A 274 18.08 -2.56 23.69
C SER A 274 17.20 -3.74 24.10
N ASP A 275 17.77 -4.67 24.86
CA ASP A 275 17.00 -5.83 25.31
C ASP A 275 16.26 -5.61 26.64
N SER A 276 16.24 -4.37 27.13
CA SER A 276 15.49 -4.05 28.34
C SER A 276 13.99 -4.36 28.16
N ASN A 277 13.32 -4.71 29.25
CA ASN A 277 11.88 -4.95 29.23
C ASN A 277 11.11 -3.76 28.69
N ALA A 278 11.55 -2.55 29.07
CA ALA A 278 10.91 -1.32 28.63
C ALA A 278 11.02 -1.09 27.11
N ASP A 279 12.18 -1.38 26.53
CA ASP A 279 12.38 -1.16 25.09
C ASP A 279 11.66 -2.23 24.24
N ARG A 280 11.64 -3.46 24.74
N ARG A 280 11.62 -3.46 24.75
CA ARG A 280 10.91 -4.55 24.10
CA ARG A 280 10.91 -4.55 24.08
C ARG A 280 9.42 -4.27 24.10
C ARG A 280 9.40 -4.32 24.13
N ALA A 281 8.92 -3.74 25.23
CA ALA A 281 7.51 -3.34 25.36
C ALA A 281 7.18 -2.19 24.42
N ALA A 282 8.10 -1.24 24.29
CA ALA A 282 7.93 -0.11 23.36
C ALA A 282 7.78 -0.60 21.92
N ALA A 283 8.66 -1.52 21.53
CA ALA A 283 8.59 -2.09 20.17
C ALA A 283 7.26 -2.83 19.91
N GLN A 284 6.82 -3.62 20.89
CA GLN A 284 5.53 -4.33 20.78
C GLN A 284 4.36 -3.35 20.67
N ARG A 285 4.41 -2.29 21.46
CA ARG A 285 3.38 -1.25 21.46
C ARG A 285 3.27 -0.58 20.08
N ALA A 286 4.42 -0.26 19.48
CA ALA A 286 4.48 0.29 18.12
C ALA A 286 3.88 -0.70 17.09
N ARG A 287 4.25 -1.98 17.19
CA ARG A 287 3.61 -3.01 16.35
C ARG A 287 2.09 -3.04 16.51
N ASP A 288 1.62 -2.98 17.77
CA ASP A 288 0.18 -2.95 18.09
C ASP A 288 -0.54 -1.78 17.41
N PHE A 289 0.01 -0.56 17.54
CA PHE A 289 -0.62 0.65 17.00
C PHE A 289 -0.52 0.76 15.48
N HIS A 290 0.51 0.13 14.91
CA HIS A 290 0.78 0.22 13.47
C HIS A 290 0.04 -0.87 12.69
N LEU A 291 0.25 -2.12 13.09
CA LEU A 291 -0.31 -3.28 12.40
C LEU A 291 -1.48 -3.93 13.14
N GLY A 292 -1.35 -4.10 14.46
CA GLY A 292 -2.36 -4.80 15.27
C GLY A 292 -3.69 -4.08 15.24
N TRP A 293 -3.64 -2.77 15.07
CA TRP A 293 -4.82 -1.93 14.95
C TRP A 293 -5.83 -2.55 13.98
N PHE A 294 -5.34 -3.10 12.88
CA PHE A 294 -6.19 -3.75 11.86
C PHE A 294 -6.14 -5.27 11.88
N LEU A 295 -4.96 -5.83 12.12
CA LEU A 295 -4.82 -7.29 12.09
C LEU A 295 -5.43 -8.03 13.28
N ASP A 296 -5.36 -7.43 14.47
CA ASP A 296 -5.99 -8.07 15.64
C ASP A 296 -7.50 -8.23 15.46
N PRO A 297 -8.21 -7.15 15.06
CA PRO A 297 -9.63 -7.32 14.70
C PRO A 297 -9.89 -8.43 13.67
N ILE A 298 -9.08 -8.47 12.62
CA ILE A 298 -9.28 -9.46 11.56
C ILE A 298 -8.99 -10.91 12.01
N ILE A 299 -7.94 -11.09 12.80
CA ILE A 299 -7.56 -12.44 13.25
C ILE A 299 -8.23 -12.85 14.57
N HIS A 300 -8.43 -11.90 15.49
CA HIS A 300 -8.98 -12.20 16.82
C HIS A 300 -10.36 -11.60 17.11
N GLY A 301 -10.80 -10.67 16.27
CA GLY A 301 -12.10 -10.04 16.46
C GLY A 301 -12.10 -8.93 17.50
N ARG A 302 -10.91 -8.47 17.90
CA ARG A 302 -10.74 -7.42 18.92
C ARG A 302 -9.51 -6.57 18.63
N TYR A 303 -9.51 -5.34 19.13
CA TYR A 303 -8.36 -4.45 19.02
C TYR A 303 -7.23 -4.92 19.94
N PRO A 304 -5.98 -4.48 19.69
CA PRO A 304 -4.87 -4.78 20.59
C PRO A 304 -5.12 -4.30 22.01
N TYR A 305 -4.59 -5.04 22.98
CA TYR A 305 -4.77 -4.73 24.40
C TYR A 305 -4.20 -3.36 24.78
N SER A 306 -2.99 -3.07 24.33
CA SER A 306 -2.37 -1.77 24.60
C SER A 306 -3.23 -0.60 24.11
N MET A 307 -3.76 -0.71 22.90
CA MET A 307 -4.60 0.33 22.33
C MET A 307 -5.86 0.54 23.17
N LEU A 308 -6.53 -0.56 23.51
CA LEU A 308 -7.72 -0.49 24.36
C LEU A 308 -7.43 0.20 25.70
N GLU A 309 -6.31 -0.15 26.31
CA GLU A 309 -5.93 0.38 27.62
C GLU A 309 -5.45 1.84 27.61
N ILE A 310 -4.84 2.25 26.50
CA ILE A 310 -4.33 3.60 26.35
C ILE A 310 -5.41 4.55 25.81
N VAL A 311 -6.08 4.13 24.75
CA VAL A 311 -7.00 5.00 24.02
C VAL A 311 -8.40 4.99 24.66
N LYS A 312 -8.75 3.87 25.28
CA LYS A 312 -9.95 3.78 26.11
C LYS A 312 -11.20 4.16 25.33
N ASP A 313 -11.97 5.08 25.89
CA ASP A 313 -13.25 5.55 25.33
C ASP A 313 -13.15 6.17 23.92
N ARG A 314 -11.97 6.62 23.52
CA ARG A 314 -11.79 7.22 22.20
C ARG A 314 -11.73 6.17 21.09
N MET A 315 -11.69 4.90 21.47
CA MET A 315 -11.79 3.83 20.50
C MET A 315 -13.17 3.21 20.49
N PRO A 316 -13.81 3.15 19.29
CA PRO A 316 -15.12 2.54 19.15
C PRO A 316 -15.09 1.04 19.48
N THR A 317 -16.25 0.49 19.81
CA THR A 317 -16.33 -0.93 20.16
C THR A 317 -17.11 -1.64 19.07
N PHE A 318 -16.77 -2.90 18.82
CA PHE A 318 -17.54 -3.71 17.90
C PHE A 318 -18.67 -4.38 18.65
N SER A 319 -19.85 -4.38 18.05
CA SER A 319 -20.93 -5.24 18.53
C SER A 319 -20.48 -6.70 18.35
N ASP A 320 -21.15 -7.61 19.03
CA ASP A 320 -20.84 -9.04 18.89
C ASP A 320 -20.95 -9.46 17.42
N GLU A 321 -22.02 -9.01 16.75
CA GLU A 321 -22.25 -9.29 15.34
C GLU A 321 -21.15 -8.72 14.42
N GLU A 322 -20.75 -7.48 14.67
CA GLU A 322 -19.69 -6.84 13.89
C GLU A 322 -18.38 -7.61 14.03
N SER A 323 -18.04 -7.94 15.28
CA SER A 323 -16.85 -8.70 15.60
C SER A 323 -16.80 -10.04 14.85
N ARG A 324 -17.94 -10.70 14.76
CA ARG A 324 -18.04 -11.95 14.01
C ARG A 324 -17.80 -11.73 12.52
N MET A 325 -18.35 -10.64 11.97
CA MET A 325 -18.19 -10.31 10.55
C MET A 325 -16.73 -10.02 10.21
N VAL A 326 -16.05 -9.33 11.12
CA VAL A 326 -14.67 -8.85 10.93
C VAL A 326 -13.67 -9.99 11.10
N LYS A 327 -13.91 -10.86 12.09
CA LYS A 327 -12.98 -11.97 12.32
C LYS A 327 -12.95 -12.94 11.13
N ASP A 328 -11.74 -13.25 10.67
CA ASP A 328 -11.52 -14.18 9.55
C ASP A 328 -12.07 -13.68 8.21
N SER A 329 -12.22 -12.36 8.07
CA SER A 329 -12.62 -11.69 6.82
C SER A 329 -11.48 -11.51 5.80
N ILE A 330 -10.53 -12.44 5.79
CA ILE A 330 -9.48 -12.47 4.75
C ILE A 330 -9.19 -13.90 4.32
N ASP A 331 -8.75 -14.07 3.07
CA ASP A 331 -8.16 -15.32 2.59
C ASP A 331 -6.62 -15.25 2.65
N TYR A 332 -6.11 -14.02 2.67
CA TYR A 332 -4.70 -13.76 2.87
C TYR A 332 -4.53 -12.32 3.31
N VAL A 333 -3.36 -12.00 3.85
CA VAL A 333 -3.05 -10.63 4.23
C VAL A 333 -1.86 -10.14 3.39
N GLY A 334 -2.00 -8.96 2.80
CA GLY A 334 -0.89 -8.32 2.11
C GLY A 334 -0.13 -7.51 3.13
N ILE A 335 1.17 -7.77 3.23
CA ILE A 335 2.05 -6.94 4.05
C ILE A 335 2.89 -6.08 3.12
N ASN A 336 2.66 -4.76 3.18
CA ASN A 336 3.46 -3.76 2.47
C ASN A 336 4.64 -3.38 3.38
N HIS A 337 5.85 -3.81 3.01
CA HIS A 337 7.01 -3.63 3.86
C HIS A 337 8.19 -2.97 3.13
N TYR A 338 8.73 -1.93 3.74
CA TYR A 338 9.80 -1.15 3.15
C TYR A 338 10.97 -0.93 4.09
N THR A 339 10.70 -0.76 5.39
CA THR A 339 11.71 -0.18 6.29
C THR A 339 11.56 -0.59 7.77
N SER A 340 12.56 -0.24 8.57
CA SER A 340 12.64 -0.58 9.99
C SER A 340 13.23 0.58 10.78
N PHE A 341 12.80 0.71 12.03
CA PHE A 341 13.43 1.65 12.96
C PHE A 341 13.65 0.96 14.30
N TYR A 342 14.53 1.55 15.11
CA TYR A 342 14.68 1.17 16.53
C TYR A 342 13.64 1.87 17.36
N MET A 343 13.20 1.20 18.42
CA MET A 343 12.15 1.71 19.29
C MET A 343 12.64 1.74 20.74
N LYS A 344 12.44 2.88 21.41
CA LYS A 344 12.82 3.10 22.82
C LYS A 344 11.61 3.39 23.69
N ASP A 345 11.69 3.05 24.97
CA ASP A 345 10.75 3.58 25.94
C ASP A 345 11.07 5.09 26.09
N PRO A 346 10.05 5.96 26.01
CA PRO A 346 10.29 7.40 25.99
C PRO A 346 10.26 8.05 27.38
N GLY A 347 10.14 7.23 28.42
CA GLY A 347 10.00 7.74 29.79
C GLY A 347 8.55 7.84 30.23
N PRO A 348 8.29 8.59 31.32
CA PRO A 348 6.91 8.75 31.82
C PRO A 348 6.00 9.37 30.76
N TRP A 349 4.76 8.90 30.68
CA TRP A 349 3.84 9.36 29.63
C TRP A 349 3.06 10.60 30.05
N ASN A 350 2.80 11.47 29.07
CA ASN A 350 1.84 12.55 29.26
C ASN A 350 0.44 11.97 29.28
N LEU A 351 -0.40 12.48 30.17
CA LEU A 351 -1.72 11.89 30.43
C LEU A 351 -2.81 12.49 29.54
N THR A 352 -2.52 13.64 28.94
CA THR A 352 -3.52 14.32 28.12
C THR A 352 -3.43 13.85 26.66
N PRO A 353 -4.53 13.26 26.16
CA PRO A 353 -4.60 12.81 24.76
C PRO A 353 -4.41 13.97 23.79
N THR A 354 -3.55 13.76 22.79
CA THR A 354 -3.32 14.78 21.76
C THR A 354 -3.43 14.23 20.34
N SER A 355 -2.93 13.00 20.12
CA SER A 355 -2.96 12.41 18.78
C SER A 355 -2.76 10.91 18.82
N TYR A 356 -3.21 10.24 17.76
CA TYR A 356 -2.91 8.82 17.57
C TYR A 356 -1.41 8.56 17.66
N GLN A 357 -0.59 9.32 16.92
CA GLN A 357 0.86 9.10 16.97
C GLN A 357 1.40 9.19 18.40
N ASP A 358 0.91 10.16 19.15
CA ASP A 358 1.33 10.37 20.54
C ASP A 358 0.85 9.25 21.46
N ASP A 359 -0.28 8.63 21.11
CA ASP A 359 -0.85 7.53 21.89
C ASP A 359 0.05 6.27 21.91
N TRP A 360 0.96 6.16 20.94
CA TRP A 360 1.91 5.03 20.91
C TRP A 360 2.82 5.02 22.13
N HIS A 361 3.18 6.22 22.60
CA HIS A 361 4.13 6.42 23.69
C HIS A 361 5.44 5.67 23.47
N VAL A 362 6.11 5.99 22.37
CA VAL A 362 7.36 5.34 22.01
C VAL A 362 8.35 6.40 21.59
N GLY A 363 9.63 6.04 21.62
CA GLY A 363 10.69 6.88 21.07
C GLY A 363 11.29 6.20 19.85
N PHE A 364 11.41 6.95 18.76
CA PHE A 364 12.06 6.45 17.55
C PHE A 364 13.57 6.64 17.65
N ALA A 365 14.32 5.69 17.11
CA ALA A 365 15.76 5.85 16.97
C ALA A 365 16.17 5.33 15.60
N TYR A 366 17.24 5.90 15.04
CA TYR A 366 17.64 5.62 13.66
C TYR A 366 19.08 5.16 13.56
N GLU A 367 19.74 5.09 14.72
CA GLU A 367 21.13 4.66 14.82
C GLU A 367 21.39 4.08 16.20
N ARG A 368 22.43 3.27 16.30
CA ARG A 368 22.79 2.64 17.55
C ARG A 368 24.29 2.42 17.53
N ASN A 369 24.96 2.83 18.61
CA ASN A 369 26.42 2.76 18.72
C ASN A 369 27.11 3.45 17.54
N GLY A 370 26.63 4.66 17.23
CA GLY A 370 27.16 5.45 16.12
C GLY A 370 26.93 4.92 14.71
N VAL A 371 26.18 3.82 14.60
CA VAL A 371 25.93 3.17 13.31
C VAL A 371 24.46 3.36 12.95
N PRO A 372 24.18 3.97 11.76
CA PRO A 372 22.80 4.09 11.32
C PRO A 372 22.18 2.70 11.14
N ILE A 373 20.89 2.58 11.39
CA ILE A 373 20.21 1.30 11.16
C ILE A 373 20.34 0.90 9.69
N GLY A 374 20.42 1.89 8.81
CA GLY A 374 20.67 1.68 7.39
C GLY A 374 20.81 3.01 6.68
N ALA A 375 21.22 2.97 5.41
CA ALA A 375 21.22 4.15 4.54
C ALA A 375 19.80 4.64 4.24
N GLN A 376 19.62 5.94 4.03
CA GLN A 376 18.30 6.47 3.65
C GLN A 376 18.11 6.47 2.16
N ALA A 377 16.90 6.11 1.72
CA ALA A 377 16.49 6.36 0.34
C ALA A 377 16.12 7.84 0.21
N ASN A 378 15.60 8.25 -0.95
CA ASN A 378 15.11 9.62 -1.13
C ASN A 378 14.04 10.05 -0.12
N SER A 379 13.09 9.17 0.18
CA SER A 379 12.01 9.48 1.12
C SER A 379 12.52 9.57 2.56
N TYR A 380 12.05 10.61 3.27
CA TYR A 380 12.47 10.90 4.67
C TYR A 380 12.27 9.70 5.61
N TRP A 381 11.26 8.89 5.30
CA TRP A 381 10.87 7.80 6.19
C TRP A 381 11.58 6.48 5.87
N LEU A 382 12.25 6.43 4.71
CA LEU A 382 12.70 5.14 4.18
C LEU A 382 14.18 4.87 4.42
N TYR A 383 14.42 3.95 5.35
CA TYR A 383 15.75 3.46 5.68
C TYR A 383 15.92 2.05 5.13
N ILE A 384 17.07 1.79 4.53
CA ILE A 384 17.33 0.54 3.85
C ILE A 384 17.84 -0.47 4.87
N VAL A 385 16.94 -1.39 5.24
CA VAL A 385 17.19 -2.34 6.33
C VAL A 385 16.67 -3.73 5.93
N PRO A 386 17.46 -4.46 5.12
CA PRO A 386 17.00 -5.73 4.54
C PRO A 386 16.55 -6.77 5.58
N TRP A 387 17.26 -6.84 6.71
CA TRP A 387 16.92 -7.83 7.74
C TRP A 387 15.52 -7.60 8.33
N GLY A 388 15.03 -6.35 8.22
CA GLY A 388 13.70 -6.00 8.70
C GLY A 388 12.57 -6.77 8.06
N ILE A 389 12.69 -7.12 6.79
CA ILE A 389 11.63 -7.86 6.10
C ILE A 389 11.51 -9.29 6.67
N ASN A 390 12.64 -9.87 7.05
CA ASN A 390 12.65 -11.19 7.67
C ASN A 390 11.96 -11.17 9.03
N LYS A 391 12.33 -10.19 9.87
CA LYS A 391 11.71 -10.04 11.18
C LYS A 391 10.22 -9.76 11.10
N ALA A 392 9.82 -8.89 10.15
CA ALA A 392 8.41 -8.56 9.97
C ALA A 392 7.56 -9.74 9.53
N VAL A 393 8.03 -10.49 8.54
CA VAL A 393 7.31 -11.68 8.05
C VAL A 393 7.26 -12.78 9.13
N THR A 394 8.38 -12.98 9.81
CA THR A 394 8.43 -13.94 10.93
C THR A 394 7.47 -13.53 12.05
N TYR A 395 7.44 -12.23 12.37
CA TYR A 395 6.48 -11.73 13.36
C TYR A 395 5.02 -12.02 13.01
N VAL A 396 4.61 -11.74 11.78
CA VAL A 396 3.24 -12.07 11.36
C VAL A 396 2.95 -13.58 11.42
N LYS A 397 3.90 -14.39 10.95
CA LYS A 397 3.80 -15.85 11.06
C LYS A 397 3.53 -16.29 12.50
N GLU A 398 4.39 -15.85 13.41
CA GLU A 398 4.37 -16.30 14.80
C GLU A 398 3.22 -15.70 15.62
N THR A 399 2.75 -14.52 15.25
CA THR A 399 1.76 -13.82 16.04
C THR A 399 0.32 -14.12 15.60
N TYR A 400 0.12 -14.32 14.30
CA TYR A 400 -1.22 -14.40 13.75
C TYR A 400 -1.57 -15.77 13.18
N GLY A 401 -0.98 -16.81 13.75
CA GLY A 401 -1.33 -18.18 13.41
C GLY A 401 -0.92 -18.66 12.03
N ASN A 402 0.24 -18.18 11.58
CA ASN A 402 0.81 -18.62 10.32
C ASN A 402 -0.21 -18.37 9.17
N PRO A 403 -0.63 -17.10 8.98
CA PRO A 403 -1.60 -16.84 7.93
C PRO A 403 -0.95 -16.87 6.55
N THR A 404 -1.76 -17.04 5.51
CA THR A 404 -1.26 -16.91 4.14
C THR A 404 -1.00 -15.42 3.90
N MET A 405 0.22 -15.11 3.46
CA MET A 405 0.66 -13.74 3.26
C MET A 405 1.06 -13.50 1.81
N ILE A 406 0.87 -12.27 1.36
CA ILE A 406 1.53 -11.82 0.15
C ILE A 406 2.43 -10.67 0.59
N LEU A 407 3.70 -10.68 0.17
CA LEU A 407 4.55 -9.50 0.37
C LEU A 407 4.18 -8.53 -0.74
N SER A 408 3.25 -7.65 -0.43
CA SER A 408 2.47 -6.97 -1.46
C SER A 408 3.03 -5.63 -1.95
N GLU A 409 4.05 -5.10 -1.25
CA GLU A 409 4.82 -3.95 -1.73
C GLU A 409 6.21 -3.98 -1.12
N ASN A 410 7.20 -3.57 -1.91
CA ASN A 410 8.58 -3.44 -1.41
C ASN A 410 9.31 -2.64 -2.48
N GLY A 411 10.09 -1.63 -2.08
CA GLY A 411 10.83 -0.86 -3.06
C GLY A 411 11.46 0.36 -2.42
N MET A 412 12.08 1.21 -3.24
CA MET A 412 12.74 2.40 -2.70
C MET A 412 12.79 3.49 -3.77
N ASP A 413 13.10 4.72 -3.35
CA ASP A 413 13.07 5.83 -4.28
C ASP A 413 14.41 6.56 -4.47
N GLN A 414 14.53 7.16 -5.65
CA GLN A 414 15.59 8.08 -6.02
C GLN A 414 14.97 9.48 -6.06
N PRO A 415 15.82 10.53 -6.03
CA PRO A 415 15.31 11.89 -6.24
C PRO A 415 14.65 12.03 -7.61
N GLY A 416 13.60 12.84 -7.68
CA GLY A 416 12.90 13.09 -8.94
C GLY A 416 13.74 13.82 -9.96
N ASN A 417 14.69 14.62 -9.48
CA ASN A 417 15.49 15.51 -10.32
C ASN A 417 16.63 14.87 -11.11
N VAL A 418 16.69 13.54 -11.14
CA VAL A 418 17.73 12.83 -11.90
C VAL A 418 17.37 12.66 -13.37
N SER A 419 18.37 12.72 -14.25
CA SER A 419 18.18 12.58 -15.69
C SER A 419 17.88 11.13 -16.08
N ILE A 420 17.46 10.91 -17.32
CA ILE A 420 17.28 9.56 -17.85
C ILE A 420 18.59 8.79 -17.71
N THR A 421 19.67 9.44 -18.14
CA THR A 421 20.98 8.82 -18.23
C THR A 421 21.46 8.23 -16.91
N GLN A 422 21.31 8.98 -15.83
CA GLN A 422 21.73 8.50 -14.52
C GLN A 422 20.60 7.75 -13.81
N GLY A 423 19.36 8.15 -14.08
CA GLY A 423 18.18 7.53 -13.48
C GLY A 423 18.05 6.03 -13.73
N VAL A 424 18.47 5.59 -14.93
CA VAL A 424 18.38 4.17 -15.29
C VAL A 424 19.43 3.29 -14.64
N HIS A 425 20.52 3.89 -14.14
CA HIS A 425 21.56 3.11 -13.49
C HIS A 425 21.39 3.11 -11.97
N ASP A 426 20.36 2.38 -11.54
CA ASP A 426 19.94 2.39 -10.15
C ASP A 426 20.49 1.18 -9.40
N THR A 427 21.82 1.14 -9.31
CA THR A 427 22.50 0.04 -8.62
C THR A 427 22.01 -0.11 -7.18
N VAL A 428 21.73 1.03 -6.53
CA VAL A 428 21.22 1.01 -5.16
C VAL A 428 19.88 0.24 -5.06
N ARG A 429 19.05 0.35 -6.09
CA ARG A 429 17.77 -0.33 -6.11
C ARG A 429 17.95 -1.83 -6.35
N ILE A 430 18.90 -2.19 -7.22
CA ILE A 430 19.26 -3.60 -7.40
C ILE A 430 19.67 -4.23 -6.07
N ARG A 431 20.58 -3.56 -5.34
CA ARG A 431 21.02 -4.00 -4.02
C ARG A 431 19.86 -4.12 -3.04
N TYR A 432 18.99 -3.11 -3.01
CA TYR A 432 17.78 -3.14 -2.20
C TYR A 432 16.99 -4.42 -2.46
N TYR A 433 16.62 -4.64 -3.72
CA TYR A 433 15.82 -5.82 -4.06
C TYR A 433 16.54 -7.16 -3.83
N ARG A 434 17.80 -7.26 -4.24
CA ARG A 434 18.59 -8.49 -4.00
C ARG A 434 18.61 -8.85 -2.50
N ASN A 435 18.86 -7.84 -1.67
CA ASN A 435 19.02 -8.06 -0.23
C ASN A 435 17.70 -8.32 0.48
N TYR A 436 16.68 -7.50 0.17
CA TYR A 436 15.36 -7.69 0.78
C TYR A 436 14.71 -9.02 0.35
N ILE A 437 14.81 -9.37 -0.94
CA ILE A 437 14.21 -10.62 -1.42
C ILE A 437 14.94 -11.84 -0.82
N THR A 438 16.28 -11.76 -0.72
CA THR A 438 17.09 -12.76 -0.03
C THR A 438 16.62 -12.98 1.43
N GLU A 439 16.40 -11.88 2.15
CA GLU A 439 15.90 -11.95 3.53
C GLU A 439 14.46 -12.48 3.62
N LEU A 440 13.63 -12.12 2.65
CA LEU A 440 12.28 -12.70 2.55
C LEU A 440 12.33 -14.22 2.31
N LYS A 441 13.21 -14.66 1.41
N LYS A 441 13.22 -14.65 1.41
CA LYS A 441 13.41 -16.10 1.16
CA LYS A 441 13.47 -16.06 1.14
C LYS A 441 13.78 -16.86 2.42
C LYS A 441 13.80 -16.86 2.40
N LYS A 442 14.62 -16.28 3.27
CA LYS A 442 15.00 -16.90 4.55
C LYS A 442 13.77 -17.10 5.46
N ALA A 443 12.89 -16.09 5.52
CA ALA A 443 11.64 -16.20 6.28
C ALA A 443 10.74 -17.32 5.73
N ILE A 444 10.66 -17.42 4.41
CA ILE A 444 9.85 -18.46 3.74
C ILE A 444 10.46 -19.86 3.99
N ASP A 445 11.78 -19.97 3.87
CA ASP A 445 12.47 -21.25 4.17
C ASP A 445 12.28 -21.67 5.64
N ASP A 446 12.04 -20.70 6.51
CA ASP A 446 11.77 -20.95 7.94
C ASP A 446 10.28 -21.15 8.28
N GLY A 447 9.42 -21.25 7.27
CA GLY A 447 8.02 -21.62 7.47
C GLY A 447 6.94 -20.60 7.16
N ALA A 448 7.34 -19.36 6.86
CA ALA A 448 6.35 -18.32 6.57
C ALA A 448 5.57 -18.65 5.30
N LYS A 449 4.24 -18.60 5.37
CA LYS A 449 3.38 -18.92 4.23
C LYS A 449 3.14 -17.75 3.26
N VAL A 450 4.23 -17.29 2.66
CA VAL A 450 4.17 -16.20 1.68
C VAL A 450 3.98 -16.79 0.28
N ILE A 451 2.99 -16.28 -0.45
CA ILE A 451 2.63 -16.84 -1.75
C ILE A 451 2.92 -15.91 -2.92
N GLY A 452 3.40 -14.71 -2.63
CA GLY A 452 3.70 -13.77 -3.69
C GLY A 452 4.52 -12.60 -3.17
N TYR A 453 5.15 -11.89 -4.11
CA TYR A 453 5.98 -10.72 -3.82
C TYR A 453 5.74 -9.71 -4.93
N PHE A 454 5.49 -8.45 -4.55
CA PHE A 454 5.17 -7.39 -5.51
C PHE A 454 6.08 -6.21 -5.25
N ALA A 455 6.74 -5.72 -6.29
CA ALA A 455 7.61 -4.57 -6.15
C ALA A 455 6.78 -3.31 -6.32
N TRP A 456 7.03 -2.32 -5.45
CA TRP A 456 6.53 -0.97 -5.73
C TRP A 456 7.68 -0.19 -6.37
N SER A 457 7.56 0.25 -7.63
CA SER A 457 6.40 0.11 -8.51
C SER A 457 7.01 -0.12 -9.89
N LEU A 458 6.21 -0.48 -10.89
CA LEU A 458 6.76 -0.62 -12.24
C LEU A 458 7.31 0.73 -12.71
N LEU A 459 6.48 1.76 -12.60
CA LEU A 459 6.82 3.07 -13.15
C LEU A 459 7.06 4.10 -12.08
N ASP A 460 7.98 5.03 -12.36
CA ASP A 460 8.04 6.29 -11.61
C ASP A 460 6.66 6.92 -11.74
N ASN A 461 6.13 7.46 -10.64
CA ASN A 461 4.77 7.98 -10.68
C ASN A 461 4.49 9.09 -9.68
N PHE A 462 3.23 9.49 -9.59
CA PHE A 462 2.82 10.57 -8.70
C PHE A 462 2.89 10.07 -7.25
N GLU A 463 3.87 10.58 -6.49
CA GLU A 463 4.14 10.11 -5.12
C GLU A 463 3.43 10.94 -4.05
N TRP A 464 2.11 11.01 -4.17
CA TRP A 464 1.25 11.71 -3.22
C TRP A 464 1.82 13.08 -2.84
N ARG A 465 2.11 13.33 -1.56
CA ARG A 465 2.58 14.67 -1.14
C ARG A 465 3.95 15.07 -1.72
N LEU A 466 4.74 14.09 -2.17
CA LEU A 466 6.04 14.40 -2.77
C LEU A 466 5.94 14.68 -4.27
N GLY A 467 4.73 14.53 -4.82
CA GLY A 467 4.50 14.73 -6.26
C GLY A 467 5.48 13.93 -7.10
N TYR A 468 6.19 14.63 -7.99
CA TYR A 468 7.16 13.98 -8.88
C TYR A 468 8.61 14.16 -8.44
N THR A 469 8.80 14.46 -7.17
CA THR A 469 10.13 14.65 -6.60
C THR A 469 10.73 13.33 -6.07
N SER A 470 9.98 12.25 -6.24
CA SER A 470 10.37 10.93 -5.75
C SER A 470 10.08 9.90 -6.84
N ARG A 471 11.09 9.08 -7.16
CA ARG A 471 11.00 8.10 -8.21
C ARG A 471 11.17 6.68 -7.66
N PHE A 472 10.06 5.94 -7.57
CA PHE A 472 10.02 4.57 -7.01
C PHE A 472 10.09 3.45 -8.07
N GLY A 473 10.10 3.83 -9.34
CA GLY A 473 9.94 2.85 -10.42
C GLY A 473 11.15 1.98 -10.68
N ILE A 474 10.91 0.80 -11.24
CA ILE A 474 11.98 0.03 -11.90
C ILE A 474 12.07 0.44 -13.38
N VAL A 475 11.21 1.37 -13.78
CA VAL A 475 11.15 1.90 -15.13
C VAL A 475 11.06 3.43 -15.01
N TYR A 476 12.03 4.11 -15.62
CA TYR A 476 12.11 5.56 -15.58
C TYR A 476 11.07 6.16 -16.52
N VAL A 477 10.37 7.18 -16.07
CA VAL A 477 9.48 7.91 -16.96
C VAL A 477 9.96 9.34 -17.13
N ASP A 478 10.20 9.72 -18.40
CA ASP A 478 10.47 11.11 -18.76
C ASP A 478 9.10 11.79 -18.74
N TYR A 479 8.90 12.72 -17.81
CA TYR A 479 7.58 13.34 -17.66
C TYR A 479 7.24 14.34 -18.78
N LYS A 480 8.27 14.77 -19.50
CA LYS A 480 8.12 15.70 -20.62
C LYS A 480 7.45 15.00 -21.81
N THR A 481 7.82 13.74 -22.04
CA THR A 481 7.38 12.97 -23.21
C THR A 481 6.52 11.74 -22.89
N LEU A 482 6.54 11.34 -21.61
CA LEU A 482 5.89 10.11 -21.12
C LEU A 482 6.51 8.81 -21.64
N LYS A 483 7.70 8.90 -22.23
CA LYS A 483 8.43 7.70 -22.67
C LYS A 483 9.01 6.91 -21.50
N ARG A 484 8.94 5.59 -21.62
CA ARG A 484 9.46 4.68 -20.59
C ARG A 484 10.86 4.19 -20.95
N TYR A 485 11.73 4.14 -19.95
CA TYR A 485 13.10 3.64 -20.07
C TYR A 485 13.34 2.67 -18.91
N PRO A 486 13.33 1.36 -19.17
CA PRO A 486 13.61 0.40 -18.09
C PRO A 486 14.95 0.69 -17.42
N LYS A 487 14.94 0.70 -16.09
CA LYS A 487 16.14 0.91 -15.32
C LYS A 487 16.85 -0.43 -15.20
N ASP A 488 18.10 -0.39 -14.76
CA ASP A 488 18.88 -1.59 -14.56
C ASP A 488 18.16 -2.58 -13.64
N SER A 489 17.43 -2.05 -12.64
CA SER A 489 16.63 -2.90 -11.74
C SER A 489 15.56 -3.75 -12.43
N ALA A 490 14.91 -3.21 -13.47
CA ALA A 490 13.96 -3.98 -14.28
C ALA A 490 14.66 -5.17 -14.96
N PHE A 491 15.81 -4.88 -15.56
CA PHE A 491 16.61 -5.93 -16.17
C PHE A 491 17.15 -6.94 -15.13
N TRP A 492 17.43 -6.46 -13.92
CA TRP A 492 17.79 -7.37 -12.81
C TRP A 492 16.66 -8.37 -12.56
N PHE A 493 15.43 -7.88 -12.44
CA PHE A 493 14.27 -8.77 -12.29
C PHE A 493 14.15 -9.73 -13.47
N LYS A 494 14.31 -9.19 -14.67
CA LYS A 494 14.21 -9.99 -15.89
C LYS A 494 15.17 -11.18 -15.85
N ASN A 495 16.42 -10.92 -15.51
CA ASN A 495 17.41 -11.98 -15.35
C ASN A 495 17.10 -12.93 -14.20
N MET A 496 16.77 -12.38 -13.03
CA MET A 496 16.50 -13.21 -11.85
C MET A 496 15.29 -14.14 -12.10
N LEU A 497 14.23 -13.61 -12.72
CA LEU A 497 12.99 -14.37 -12.93
C LEU A 497 13.01 -15.39 -14.07
N SER A 498 14.04 -15.34 -14.92
CA SER A 498 14.07 -16.20 -16.12
C SER A 498 14.74 -17.54 -15.84
C1 MVL B . 3.08 2.74 -0.38
N10 MVL B . 4.22 3.37 -0.58
C3 MVL B . 1.91 4.01 -2.18
C4 MVL B . 3.21 4.84 -2.19
C5 MVL B . 4.46 3.99 -1.91
C6 MVL B . 5.78 4.77 -1.94
C7 MVL B . 4.20 2.62 1.49
C8 MVL B . 4.95 3.33 0.55
N1 MVL B . 3.05 2.26 0.87
O3 MVL B . 0.88 4.73 -1.49
O2 MVL B . 0.84 2.09 -1.01
O4 MVL B . 3.32 5.49 -3.46
C2 MVL B . 2.07 2.64 -1.49
O6 MVL B . 5.84 5.71 -0.87
C TRS C . 19.72 -8.28 13.55
C1 TRS C . 21.24 -8.13 13.44
C2 TRS C . 19.07 -6.95 13.89
C3 TRS C . 19.13 -8.85 12.26
N TRS C . 19.39 -9.23 14.61
O1 TRS C . 21.60 -7.29 12.36
O2 TRS C . 19.53 -6.48 15.14
O3 TRS C . 20.05 -9.67 11.58
N1 EPE D . 4.32 6.93 5.13
C2 EPE D . 3.90 8.15 4.42
C3 EPE D . 2.88 7.77 3.35
N4 EPE D . 3.37 6.73 2.49
C5 EPE D . 4.02 5.57 3.10
C6 EPE D . 4.97 5.97 4.22
C7 EPE D . 3.69 7.03 1.11
C8 EPE D . 2.70 7.99 0.47
O8 EPE D . 3.44 8.94 -0.29
C9 EPE D . 5.29 7.28 6.17
C10 EPE D . 4.58 7.68 7.45
S EPE D . 5.24 9.26 8.05
O1S EPE D . 6.64 9.06 8.43
O2S EPE D . 4.48 9.67 9.25
O3S EPE D . 5.09 10.26 7.00
C1 GOL E . 11.90 15.54 0.22
O1 GOL E . 11.10 15.82 -0.92
C2 GOL E . 11.09 14.64 1.15
O2 GOL E . 11.06 15.22 2.43
C3 GOL E . 11.74 13.28 1.25
O3 GOL E . 12.97 13.40 1.92
C1 GOL F . 17.39 -4.82 31.88
O1 GOL F . 17.25 -3.41 31.90
C2 GOL F . 16.14 -5.47 31.31
O2 GOL F . 16.40 -6.82 30.97
C3 GOL F . 15.01 -5.41 32.32
O3 GOL F . 14.42 -4.14 32.26
#